data_2YQ7
#
_entry.id   2YQ7
#
_cell.length_a   73.803
_cell.length_b   35.223
_cell.length_c   61.363
_cell.angle_alpha   90.00
_cell.angle_beta   101.12
_cell.angle_gamma   90.00
#
_symmetry.space_group_name_H-M   'C 1 2 1'
#
loop_
_entity.id
_entity.type
_entity.pdbx_description
1 polymer 'BCL-2-LIKE PROTEIN 1'
2 polymer 'BCL-2-LIKE PROTEIN 11'
3 non-polymer GLYCEROL
4 water water
#
loop_
_entity_poly.entity_id
_entity_poly.type
_entity_poly.pdbx_seq_one_letter_code
_entity_poly.pdbx_strand_id
1 'polypeptide(L)'
;GPLGSMSQSNRELVVDFLSYKLSQKGYSWSQMAAVKQALREAGDEFELRYRRAFSDLTSQLHITPGTAYQSFEQVVNELF
RDGVNWGRIVAFFSFGGALCVESVDKEMQVLVSRIAAWMATYLNDHLEPWIQENGGWDTFVELYGNNAAAESRKGQER
;
A
2 'polypeptide(L)' (ACE)WIAQELREIGDKFNAYYA(NH2) B
#
# COMPACT_ATOMS: atom_id res chain seq x y z
N GLY A 1 -18.11 24.93 -2.29
CA GLY A 1 -17.75 26.26 -2.73
C GLY A 1 -16.31 26.61 -2.36
N PRO A 2 -15.77 27.66 -3.00
CA PRO A 2 -14.40 28.13 -2.76
C PRO A 2 -14.17 28.48 -1.29
N LEU A 3 -15.16 29.11 -0.66
CA LEU A 3 -15.04 29.57 0.71
C LEU A 3 -14.97 28.40 1.68
N GLY A 4 -15.90 27.47 1.54
CA GLY A 4 -15.92 26.29 2.39
C GLY A 4 -14.72 25.40 2.14
N SER A 5 -14.35 25.25 0.88
CA SER A 5 -13.20 24.42 0.52
C SER A 5 -11.93 24.95 1.19
N MET A 6 -11.78 26.26 1.23
CA MET A 6 -10.66 26.88 1.91
C MET A 6 -10.68 26.49 3.40
N SER A 7 -11.85 26.60 4.02
CA SER A 7 -12.04 26.24 5.42
C SER A 7 -11.78 24.76 5.68
N GLN A 8 -12.28 23.91 4.78
CA GLN A 8 -12.11 22.47 4.90
C GLN A 8 -10.64 22.09 4.73
N SER A 9 -9.95 22.78 3.82
CA SER A 9 -8.53 22.51 3.58
C SER A 9 -7.66 22.85 4.78
N ASN A 10 -7.93 24.00 5.39
CA ASN A 10 -7.23 24.39 6.59
C ASN A 10 -7.43 23.40 7.72
N ARG A 11 -8.66 22.90 7.87
CA ARG A 11 -8.96 21.90 8.90
C ARG A 11 -8.18 20.61 8.66
N GLU A 12 -8.13 20.18 7.41
CA GLU A 12 -7.43 18.94 7.07
C GLU A 12 -5.93 19.05 7.30
N LEU A 13 -5.40 20.25 7.07
CA LEU A 13 -3.98 20.53 7.29
C LEU A 13 -3.66 20.39 8.77
N VAL A 14 -4.50 21.01 9.61
CA VAL A 14 -4.39 20.86 11.05
C VAL A 14 -4.48 19.41 11.49
N VAL A 15 -5.52 18.70 11.04
CA VAL A 15 -5.66 17.30 11.39
C VAL A 15 -4.46 16.46 10.95
N ASP A 16 -4.00 16.70 9.73
CA ASP A 16 -2.85 15.95 9.23
C ASP A 16 -1.61 16.15 10.08
N PHE A 17 -1.31 17.42 10.39
CA PHE A 17 -0.12 17.74 11.16
C PHE A 17 -0.20 17.15 12.56
N LEU A 18 -1.37 17.29 13.20
CA LEU A 18 -1.52 16.80 14.56
C LEU A 18 -1.43 15.28 14.59
N SER A 19 -2.01 14.62 13.59
CA SER A 19 -1.95 13.18 13.50
C SER A 19 -0.50 12.71 13.45
N TYR A 20 0.29 13.42 12.65
CA TYR A 20 1.70 13.10 12.48
C TYR A 20 2.47 13.26 13.78
N LYS A 21 2.30 14.40 14.44
CA LYS A 21 3.00 14.64 15.70
CA LYS A 21 3.00 14.64 15.69
C LYS A 21 2.63 13.61 16.75
N LEU A 22 1.34 13.26 16.81
CA LEU A 22 0.89 12.25 17.77
C LEU A 22 1.59 10.92 17.48
N SER A 23 1.62 10.53 16.20
CA SER A 23 2.21 9.24 15.81
C SER A 23 3.70 9.16 16.16
N GLN A 24 4.38 10.29 16.17
CA GLN A 24 5.80 10.31 16.48
C GLN A 24 6.04 9.94 17.94
N LYS A 25 4.99 10.02 18.76
CA LYS A 25 5.11 9.68 20.17
C LYS A 25 4.39 8.37 20.47
N GLY A 26 3.97 7.68 19.41
CA GLY A 26 3.28 6.41 19.57
C GLY A 26 1.81 6.56 19.93
N TYR A 27 1.25 7.73 19.69
CA TYR A 27 -0.17 7.99 19.92
C TYR A 27 -0.84 8.05 18.58
N SER A 28 -2.18 8.11 18.55
CA SER A 28 -2.85 8.25 17.27
C SER A 28 -4.06 9.18 17.38
N TRP A 29 -4.31 9.91 16.30
CA TRP A 29 -5.47 10.79 16.19
C TRP A 29 -6.76 9.98 16.21
N SER A 30 -6.74 8.84 15.51
CA SER A 30 -7.91 7.99 15.41
C SER A 30 -7.47 6.62 14.94
N GLN A 31 -8.40 5.67 14.92
CA GLN A 31 -8.06 4.31 14.51
C GLN A 31 -7.64 4.30 13.05
N MET A 32 -8.36 5.07 12.24
CA MET A 32 -7.99 5.24 10.84
C MET A 32 -6.56 5.77 10.69
N ALA A 33 -6.21 6.79 11.46
CA ALA A 33 -4.85 7.33 11.47
C ALA A 33 -3.80 6.26 11.86
N ALA A 34 -4.12 5.47 12.88
CA ALA A 34 -3.27 4.38 13.32
C ALA A 34 -3.02 3.37 12.19
N VAL A 35 -4.06 3.04 11.43
CA VAL A 35 -3.92 2.09 10.33
C VAL A 35 -3.02 2.65 9.24
N LYS A 36 -3.26 3.93 8.88
CA LYS A 36 -2.47 4.57 7.84
C LYS A 36 -1.01 4.55 8.24
N GLN A 37 -0.76 4.87 9.50
CA GLN A 37 0.62 4.94 9.97
C GLN A 37 1.27 3.56 9.98
N ALA A 38 0.53 2.55 10.42
CA ALA A 38 1.07 1.20 10.46
C ALA A 38 1.39 0.74 9.05
N LEU A 39 0.54 1.08 8.09
CA LEU A 39 0.76 0.65 6.73
C LEU A 39 1.98 1.33 6.12
N ARG A 40 2.11 2.64 6.34
CA ARG A 40 3.30 3.37 5.90
C ARG A 40 4.57 2.75 6.45
N GLU A 41 4.58 2.47 7.75
CA GLU A 41 5.80 1.93 8.37
C GLU A 41 6.12 0.54 7.85
N ALA A 42 5.07 -0.29 7.71
CA ALA A 42 5.24 -1.65 7.22
C ALA A 42 5.77 -1.66 5.80
N GLY A 43 5.19 -0.82 4.94
CA GLY A 43 5.72 -0.62 3.60
C GLY A 43 7.19 -0.20 3.60
N ASP A 44 7.53 0.77 4.45
CA ASP A 44 8.93 1.21 4.55
C ASP A 44 9.83 0.04 4.96
N GLU A 45 9.37 -0.71 5.95
CA GLU A 45 10.19 -1.77 6.53
C GLU A 45 10.39 -2.89 5.53
N PHE A 46 9.30 -3.23 4.86
CA PHE A 46 9.26 -4.24 3.79
C PHE A 46 10.28 -3.84 2.73
N GLU A 47 10.18 -2.61 2.24
CA GLU A 47 11.07 -2.14 1.19
C GLU A 47 12.53 -2.02 1.64
N LEU A 48 12.74 -1.83 2.94
CA LEU A 48 14.10 -1.70 3.48
C LEU A 48 14.77 -3.06 3.66
N ARG A 49 14.10 -3.97 4.35
CA ARG A 49 14.62 -5.30 4.61
C ARG A 49 14.92 -6.05 3.32
N TYR A 50 14.00 -5.97 2.36
CA TYR A 50 14.11 -6.77 1.14
C TYR A 50 14.48 -5.88 -0.05
N ARG A 51 15.34 -4.90 0.21
CA ARG A 51 15.72 -3.89 -0.77
C ARG A 51 16.23 -4.48 -2.10
N ARG A 52 17.12 -5.46 -2.01
CA ARG A 52 17.69 -6.08 -3.21
C ARG A 52 16.58 -6.70 -4.07
N ALA A 53 15.76 -7.55 -3.45
CA ALA A 53 14.67 -8.23 -4.15
C ALA A 53 13.62 -7.27 -4.69
N PHE A 54 13.28 -6.27 -3.90
CA PHE A 54 12.26 -5.30 -4.30
C PHE A 54 12.71 -4.46 -5.49
N SER A 55 13.97 -4.02 -5.46
CA SER A 55 14.54 -3.27 -6.58
C SER A 55 14.57 -4.15 -7.82
N ASP A 56 14.99 -5.41 -7.63
CA ASP A 56 14.99 -6.39 -8.71
C ASP A 56 13.64 -6.45 -9.42
N LEU A 57 12.58 -6.74 -8.67
CA LEU A 57 11.27 -6.92 -9.30
C LEU A 57 10.72 -5.64 -9.91
N THR A 58 10.99 -4.50 -9.29
CA THR A 58 10.52 -3.22 -9.83
C THR A 58 11.30 -2.83 -11.07
N SER A 59 12.52 -3.35 -11.19
CA SER A 59 13.33 -3.03 -12.37
C SER A 59 12.77 -3.77 -13.57
N GLN A 60 11.92 -4.76 -13.32
CA GLN A 60 11.31 -5.52 -14.39
C GLN A 60 10.04 -4.83 -14.88
N LEU A 61 9.66 -3.74 -14.20
CA LEU A 61 8.49 -2.97 -14.58
C LEU A 61 8.77 -2.09 -15.77
N HIS A 62 8.17 -2.43 -16.91
CA HIS A 62 8.29 -1.59 -18.10
C HIS A 62 6.90 -1.28 -18.59
N ILE A 63 6.27 -0.32 -17.93
CA ILE A 63 4.87 -0.03 -18.19
C ILE A 63 4.69 1.01 -19.29
N THR A 64 3.60 0.86 -20.01
CA THR A 64 3.12 1.88 -20.93
C THR A 64 1.68 2.11 -20.47
N PRO A 65 1.07 3.23 -20.86
CA PRO A 65 -0.31 3.40 -20.39
C PRO A 65 -1.21 2.27 -20.90
N GLY A 66 -0.95 1.81 -22.12
CA GLY A 66 -1.75 0.75 -22.71
C GLY A 66 -1.56 -0.63 -22.12
N THR A 67 -0.47 -0.84 -21.40
CA THR A 67 -0.20 -2.15 -20.78
C THR A 67 -0.19 -2.15 -19.26
N ALA A 68 -0.44 -1.00 -18.65
CA ALA A 68 -0.32 -0.89 -17.20
C ALA A 68 -1.38 -1.68 -16.44
N TYR A 69 -2.61 -1.70 -16.93
CA TYR A 69 -3.67 -2.42 -16.22
C TYR A 69 -3.37 -3.92 -16.20
N GLN A 70 -3.06 -4.46 -17.38
CA GLN A 70 -2.71 -5.86 -17.52
C GLN A 70 -1.53 -6.21 -16.61
N SER A 71 -0.49 -5.37 -16.63
CA SER A 71 0.66 -5.55 -15.74
C SER A 71 0.25 -5.56 -14.26
N PHE A 72 -0.60 -4.61 -13.87
CA PHE A 72 -1.07 -4.55 -12.49
C PHE A 72 -1.84 -5.82 -12.13
N GLU A 73 -2.84 -6.14 -12.93
CA GLU A 73 -3.76 -7.22 -12.58
C GLU A 73 -3.09 -8.58 -12.56
N GLN A 74 -2.16 -8.80 -13.48
CA GLN A 74 -1.50 -10.07 -13.59
C GLN A 74 -0.55 -10.31 -12.43
N VAL A 75 0.15 -9.26 -12.01
CA VAL A 75 1.01 -9.38 -10.83
C VAL A 75 0.14 -9.64 -9.59
N VAL A 76 -0.91 -8.84 -9.41
CA VAL A 76 -1.73 -8.93 -8.20
C VAL A 76 -2.49 -10.28 -8.13
N ASN A 77 -3.04 -10.73 -9.25
CA ASN A 77 -3.66 -12.06 -9.28
C ASN A 77 -2.70 -13.17 -8.88
N GLU A 78 -1.48 -13.13 -9.41
CA GLU A 78 -0.50 -14.15 -9.07
C GLU A 78 -0.05 -14.02 -7.62
N LEU A 79 0.04 -12.78 -7.14
CA LEU A 79 0.44 -12.55 -5.73
C LEU A 79 -0.50 -13.27 -4.76
N PHE A 80 -1.80 -13.23 -5.05
CA PHE A 80 -2.81 -13.78 -4.13
C PHE A 80 -3.43 -15.09 -4.61
N ARG A 81 -2.84 -15.69 -5.64
CA ARG A 81 -3.40 -16.90 -6.24
C ARG A 81 -3.61 -18.03 -5.22
N ASP A 82 -2.64 -18.24 -4.34
CA ASP A 82 -2.76 -19.32 -3.33
C ASP A 82 -2.90 -18.82 -1.89
N GLY A 83 -3.33 -17.58 -1.73
CA GLY A 83 -3.69 -17.10 -0.42
C GLY A 83 -3.55 -15.61 -0.21
N VAL A 84 -4.21 -15.14 0.84
CA VAL A 84 -4.05 -13.78 1.29
C VAL A 84 -3.45 -13.86 2.69
N ASN A 85 -2.45 -13.01 2.95
CA ASN A 85 -1.95 -12.83 4.31
C ASN A 85 -1.49 -11.38 4.48
N TRP A 86 -1.18 -10.97 5.70
CA TRP A 86 -0.87 -9.56 5.93
C TRP A 86 0.39 -9.10 5.17
N GLY A 87 1.38 -9.98 5.08
CA GLY A 87 2.59 -9.66 4.34
C GLY A 87 2.37 -9.46 2.85
N ARG A 88 1.55 -10.32 2.25
CA ARG A 88 1.22 -10.13 0.83
C ARG A 88 0.41 -8.87 0.62
N ILE A 89 -0.44 -8.53 1.58
CA ILE A 89 -1.16 -7.28 1.50
C ILE A 89 -0.21 -6.06 1.55
N VAL A 90 0.75 -6.08 2.45
CA VAL A 90 1.79 -5.05 2.47
C VAL A 90 2.52 -5.03 1.12
N ALA A 91 2.86 -6.21 0.60
CA ALA A 91 3.50 -6.30 -0.72
C ALA A 91 2.66 -5.68 -1.85
N PHE A 92 1.36 -5.93 -1.79
CA PHE A 92 0.39 -5.35 -2.73
C PHE A 92 0.44 -3.81 -2.70
N PHE A 93 0.42 -3.22 -1.51
CA PHE A 93 0.53 -1.75 -1.39
C PHE A 93 1.88 -1.24 -1.92
N SER A 94 2.96 -1.87 -1.47
CA SER A 94 4.30 -1.49 -1.95
C SER A 94 4.45 -1.56 -3.48
N PHE A 95 3.89 -2.60 -4.09
CA PHE A 95 3.89 -2.76 -5.55
C PHE A 95 3.15 -1.60 -6.21
N GLY A 96 1.99 -1.26 -5.66
CA GLY A 96 1.21 -0.13 -6.18
C GLY A 96 1.99 1.18 -6.10
N GLY A 97 2.68 1.38 -4.99
CA GLY A 97 3.49 2.57 -4.82
C GLY A 97 4.59 2.63 -5.85
N ALA A 98 5.23 1.49 -6.07
CA ALA A 98 6.34 1.39 -7.01
C ALA A 98 5.86 1.71 -8.42
N LEU A 99 4.67 1.21 -8.77
CA LEU A 99 4.09 1.47 -10.08
C LEU A 99 3.79 2.96 -10.26
N CYS A 100 3.30 3.61 -9.20
CA CYS A 100 3.01 5.04 -9.29
C CYS A 100 4.27 5.84 -9.47
N VAL A 101 5.30 5.53 -8.68
CA VAL A 101 6.58 6.22 -8.82
C VAL A 101 7.16 6.04 -10.22
N GLU A 102 7.13 4.81 -10.73
CA GLU A 102 7.64 4.52 -12.06
C GLU A 102 6.87 5.30 -13.14
N SER A 103 5.54 5.33 -12.99
CA SER A 103 4.69 6.10 -13.90
C SER A 103 5.07 7.58 -13.93
N VAL A 104 5.28 8.17 -12.77
CA VAL A 104 5.68 9.57 -12.72
C VAL A 104 7.08 9.76 -13.30
N ASP A 105 8.00 8.83 -13.02
CA ASP A 105 9.35 8.86 -13.58
C ASP A 105 9.31 9.00 -15.11
N LYS A 106 8.42 8.23 -15.73
CA LYS A 106 8.35 8.14 -17.20
C LYS A 106 7.34 9.10 -17.81
N GLU A 107 6.98 10.14 -17.05
CA GLU A 107 6.00 11.14 -17.47
C GLU A 107 4.64 10.52 -17.83
N MET A 108 4.27 9.48 -17.11
CA MET A 108 2.95 8.84 -17.29
C MET A 108 2.08 9.12 -16.07
N GLN A 109 2.09 10.37 -15.62
CA GLN A 109 1.37 10.79 -14.42
C GLN A 109 -0.12 10.42 -14.46
N VAL A 110 -0.66 10.27 -15.68
CA VAL A 110 -2.06 9.94 -15.84
C VAL A 110 -2.40 8.58 -15.21
N LEU A 111 -1.38 7.72 -15.04
CA LEU A 111 -1.61 6.37 -14.50
C LEU A 111 -1.82 6.36 -13.00
N VAL A 112 -1.33 7.40 -12.33
CA VAL A 112 -1.37 7.43 -10.88
C VAL A 112 -2.80 7.29 -10.34
N SER A 113 -3.72 8.11 -10.83
CA SER A 113 -5.10 8.00 -10.34
C SER A 113 -5.76 6.67 -10.74
N ARG A 114 -5.36 6.11 -11.89
CA ARG A 114 -5.90 4.84 -12.36
C ARG A 114 -5.47 3.68 -11.46
N ILE A 115 -4.18 3.64 -11.14
CA ILE A 115 -3.62 2.63 -10.22
C ILE A 115 -4.33 2.67 -8.85
N ALA A 116 -4.54 3.87 -8.33
CA ALA A 116 -5.24 4.05 -7.05
C ALA A 116 -6.65 3.44 -7.12
N ALA A 117 -7.34 3.67 -8.23
CA ALA A 117 -8.67 3.12 -8.39
C ALA A 117 -8.64 1.59 -8.53
N TRP A 118 -7.66 1.07 -9.26
CA TRP A 118 -7.53 -0.39 -9.42
C TRP A 118 -7.25 -1.06 -8.07
N MET A 119 -6.43 -0.41 -7.25
CA MET A 119 -6.04 -0.94 -5.95
C MET A 119 -7.21 -0.92 -4.96
N ALA A 120 -7.96 0.19 -4.97
CA ALA A 120 -9.13 0.34 -4.09
C ALA A 120 -10.19 -0.69 -4.44
N THR A 121 -10.42 -0.90 -5.73
CA THR A 121 -11.38 -1.91 -6.18
C THR A 121 -10.94 -3.33 -5.76
N TYR A 122 -9.67 -3.64 -5.97
CA TYR A 122 -9.14 -4.95 -5.61
C TYR A 122 -9.25 -5.18 -4.10
N LEU A 123 -8.92 -4.15 -3.33
CA LEU A 123 -9.04 -4.21 -1.88
C LEU A 123 -10.49 -4.48 -1.47
N ASN A 124 -11.43 -3.72 -2.03
CA ASN A 124 -12.86 -3.88 -1.73
C ASN A 124 -13.40 -5.27 -2.06
N ASP A 125 -13.05 -5.77 -3.25
CA ASP A 125 -13.69 -7.00 -3.74
C ASP A 125 -12.95 -8.27 -3.38
N HIS A 126 -11.63 -8.20 -3.29
CA HIS A 126 -10.84 -9.42 -3.19
C HIS A 126 -10.03 -9.58 -1.90
N LEU A 127 -9.76 -8.49 -1.20
CA LEU A 127 -8.98 -8.57 0.04
C LEU A 127 -9.83 -8.39 1.31
N GLU A 128 -10.81 -7.50 1.24
CA GLU A 128 -11.69 -7.22 2.38
C GLU A 128 -12.36 -8.46 3.02
N PRO A 129 -12.77 -9.45 2.20
CA PRO A 129 -13.34 -10.63 2.86
C PRO A 129 -12.35 -11.33 3.79
N TRP A 130 -11.12 -11.55 3.33
CA TRP A 130 -10.10 -12.13 4.21
C TRP A 130 -9.81 -11.22 5.40
N ILE A 131 -9.64 -9.93 5.12
CA ILE A 131 -9.31 -8.96 6.17
C ILE A 131 -10.36 -8.98 7.29
N GLN A 132 -11.63 -9.00 6.91
CA GLN A 132 -12.69 -9.04 7.92
C GLN A 132 -12.71 -10.35 8.70
N GLU A 133 -12.39 -11.45 8.01
CA GLU A 133 -12.34 -12.75 8.66
C GLU A 133 -11.15 -12.87 9.59
N ASN A 134 -10.16 -12.00 9.42
CA ASN A 134 -8.93 -12.12 10.20
C ASN A 134 -8.65 -10.95 11.14
N GLY A 135 -9.72 -10.33 11.61
CA GLY A 135 -9.61 -9.34 12.66
C GLY A 135 -9.62 -7.91 12.22
N GLY A 136 -9.81 -7.66 10.92
CA GLY A 136 -9.84 -6.31 10.40
C GLY A 136 -8.50 -5.59 10.48
N TRP A 137 -8.47 -4.35 10.00
CA TRP A 137 -7.23 -3.55 10.02
C TRP A 137 -6.72 -3.28 11.43
N ASP A 138 -7.61 -3.30 12.41
CA ASP A 138 -7.19 -3.16 13.81
C ASP A 138 -6.25 -4.28 14.21
N THR A 139 -6.49 -5.47 13.67
CA THR A 139 -5.59 -6.60 13.91
C THR A 139 -4.23 -6.41 13.22
N PHE A 140 -4.24 -5.81 12.04
CA PHE A 140 -2.98 -5.48 11.38
C PHE A 140 -2.14 -4.51 12.20
N VAL A 141 -2.81 -3.51 12.79
CA VAL A 141 -2.10 -2.52 13.60
C VAL A 141 -1.43 -3.22 14.78
N GLU A 142 -2.16 -4.15 15.41
CA GLU A 142 -1.65 -4.90 16.55
C GLU A 142 -0.40 -5.71 16.19
N LEU A 143 -0.33 -6.19 14.96
CA LEU A 143 0.76 -7.05 14.51
C LEU A 143 1.97 -6.30 13.93
N TYR A 144 1.73 -5.30 13.08
CA TYR A 144 2.81 -4.64 12.33
C TYR A 144 3.06 -3.21 12.78
N GLY A 145 2.26 -2.73 13.73
CA GLY A 145 2.38 -1.37 14.24
C GLY A 145 3.36 -1.26 15.39
N TRP B 2 7.03 -13.89 -12.61
CA TRP B 2 8.39 -13.57 -12.18
C TRP B 2 8.38 -12.46 -11.13
N ILE B 3 7.89 -11.28 -11.51
CA ILE B 3 7.73 -10.17 -10.58
C ILE B 3 6.86 -10.62 -9.40
N ALA B 4 5.77 -11.29 -9.72
CA ALA B 4 4.82 -11.68 -8.69
C ALA B 4 5.39 -12.78 -7.80
N GLN B 5 6.14 -13.70 -8.40
CA GLN B 5 6.83 -14.74 -7.62
C GLN B 5 7.76 -14.13 -6.58
N GLU B 6 8.57 -13.16 -6.99
CA GLU B 6 9.54 -12.55 -6.08
C GLU B 6 8.83 -11.70 -5.03
N LEU B 7 7.79 -11.01 -5.46
CA LEU B 7 6.95 -10.20 -4.58
C LEU B 7 6.28 -11.10 -3.53
N ARG B 8 5.79 -12.25 -3.98
CA ARG B 8 5.12 -13.22 -3.13
C ARG B 8 6.08 -13.79 -2.10
N GLU B 9 7.30 -14.09 -2.54
CA GLU B 9 8.30 -14.68 -1.66
C GLU B 9 8.66 -13.72 -0.52
N ILE B 10 8.92 -12.45 -0.84
CA ILE B 10 9.27 -11.52 0.22
C ILE B 10 8.05 -11.15 1.08
N GLY B 11 6.87 -11.12 0.48
CA GLY B 11 5.66 -10.92 1.27
C GLY B 11 5.48 -12.01 2.31
N ASP B 12 5.75 -13.25 1.93
CA ASP B 12 5.62 -14.39 2.84
C ASP B 12 6.69 -14.37 3.94
N LYS B 13 7.90 -13.96 3.57
CA LYS B 13 8.97 -13.78 4.55
C LYS B 13 8.56 -12.73 5.57
N PHE B 14 8.03 -11.61 5.09
CA PHE B 14 7.60 -10.49 5.94
C PHE B 14 6.48 -10.99 6.85
N ASN B 15 5.53 -11.70 6.26
CA ASN B 15 4.43 -12.27 7.03
C ASN B 15 4.89 -13.22 8.12
N ALA B 16 5.82 -14.10 7.77
CA ALA B 16 6.31 -15.12 8.69
C ALA B 16 6.97 -14.47 9.91
N TYR B 17 7.65 -13.36 9.70
CA TYR B 17 8.33 -12.65 10.78
C TYR B 17 7.34 -12.08 11.80
N TYR B 18 6.30 -11.43 11.32
CA TYR B 18 5.37 -10.71 12.19
C TYR B 18 4.13 -11.49 12.59
N ALA B 19 3.58 -12.25 11.65
CA ALA B 19 2.31 -12.93 11.90
C ALA B 19 2.47 -14.43 12.09
#